data_1XD5
#
_entry.id   1XD5
#
_cell.length_a   61.087
_cell.length_b   91.488
_cell.length_c   81.132
_cell.angle_alpha   90.00
_cell.angle_beta   90.00
_cell.angle_gamma   90.00
#
_symmetry.space_group_name_H-M   'P 21 21 2'
#
loop_
_entity.id
_entity.type
_entity.pdbx_description
1 polymer 'antifungal protein GAFP-1'
2 non-polymer 'SULFATE ION'
3 water water
#
_entity_poly.entity_id   1
_entity_poly.type   'polypeptide(L)'
_entity_poly.pdbx_seq_one_letter_code
;SDRLNSGHQLDTGGSLAEGGYLFIIQNDCNLVLYDNNRAVWASGTNGKASGCVLKMQNDGNLVIYSGSRAIWASNTNRQN
GNYYLILQRDRNVVIYDNSNNAIWATHTNVGN
;
_entity_poly.pdbx_strand_id   A,B,C,D
#
loop_
_chem_comp.id
_chem_comp.type
_chem_comp.name
_chem_comp.formula
SO4 non-polymer 'SULFATE ION' 'O4 S -2'
#
# COMPACT_ATOMS: atom_id res chain seq x y z
N SER A 1 -0.81 -20.31 9.61
CA SER A 1 -1.36 -21.21 8.55
C SER A 1 -1.40 -20.46 7.22
N ASP A 2 -1.60 -21.20 6.14
CA ASP A 2 -1.73 -20.60 4.82
C ASP A 2 -3.17 -20.44 4.39
N ARG A 3 -4.11 -20.86 5.23
CA ARG A 3 -5.51 -20.79 4.86
C ARG A 3 -6.45 -20.46 6.01
N LEU A 4 -7.60 -19.88 5.66
CA LEU A 4 -8.62 -19.54 6.63
C LEU A 4 -9.92 -20.13 6.14
N ASN A 5 -10.55 -20.99 6.94
CA ASN A 5 -11.78 -21.66 6.54
C ASN A 5 -12.99 -20.79 6.86
N SER A 6 -14.08 -20.97 6.11
CA SER A 6 -15.32 -20.23 6.38
C SER A 6 -15.85 -20.55 7.77
N GLY A 7 -16.42 -19.54 8.42
CA GLY A 7 -16.88 -19.65 9.79
C GLY A 7 -15.78 -19.32 10.78
N HIS A 8 -14.61 -18.98 10.25
CA HIS A 8 -13.46 -18.62 11.08
C HIS A 8 -12.94 -17.23 10.73
N GLN A 9 -12.13 -16.68 11.61
CA GLN A 9 -11.64 -15.33 11.44
C GLN A 9 -10.18 -15.21 11.83
N LEU A 10 -9.51 -14.20 11.28
CA LEU A 10 -8.21 -13.84 11.78
C LEU A 10 -8.43 -12.69 12.75
N ASP A 11 -7.85 -12.81 13.94
CA ASP A 11 -7.89 -11.72 14.90
C ASP A 11 -6.93 -10.64 14.43
N THR A 12 -6.96 -9.49 15.11
CA THR A 12 -6.10 -8.37 14.75
C THR A 12 -4.63 -8.77 14.72
N GLY A 13 -3.96 -8.46 13.62
CA GLY A 13 -2.55 -8.79 13.44
C GLY A 13 -2.35 -10.22 12.98
N GLY A 14 -3.46 -10.98 12.93
CA GLY A 14 -3.44 -12.33 12.44
C GLY A 14 -3.18 -12.38 10.94
N SER A 15 -2.70 -13.51 10.45
CA SER A 15 -2.25 -13.59 9.08
C SER A 15 -2.27 -14.98 8.50
N LEU A 16 -2.24 -15.00 7.17
CA LEU A 16 -1.90 -16.20 6.43
C LEU A 16 -0.45 -16.00 6.00
N ALA A 17 0.32 -17.07 6.01
CA ALA A 17 1.72 -16.99 5.62
C ALA A 17 2.08 -18.17 4.74
N GLU A 18 2.95 -17.91 3.76
CA GLU A 18 3.49 -18.94 2.89
C GLU A 18 4.86 -18.45 2.46
N GLY A 19 5.91 -19.03 3.04
CA GLY A 19 7.26 -18.59 2.78
C GLY A 19 7.42 -17.12 3.11
N GLY A 20 7.84 -16.33 2.12
CA GLY A 20 8.02 -14.91 2.30
C GLY A 20 6.76 -14.08 2.06
N TYR A 21 5.63 -14.75 1.82
CA TYR A 21 4.36 -14.06 1.60
C TYR A 21 3.56 -13.98 2.89
N LEU A 22 3.00 -12.79 3.13
CA LEU A 22 2.27 -12.54 4.35
C LEU A 22 1.00 -11.77 3.99
N PHE A 23 -0.14 -12.33 4.35
CA PHE A 23 -1.43 -11.68 4.11
C PHE A 23 -2.03 -11.41 5.48
N ILE A 24 -2.05 -10.14 5.85
CA ILE A 24 -2.27 -9.76 7.24
C ILE A 24 -3.36 -8.70 7.40
N ILE A 25 -4.24 -8.91 8.39
CA ILE A 25 -5.17 -7.85 8.78
C ILE A 25 -4.53 -7.05 9.90
N GLN A 26 -4.22 -5.79 9.60
CA GLN A 26 -3.42 -4.98 10.50
C GLN A 26 -4.26 -4.26 11.53
N ASN A 27 -3.59 -3.83 12.60
CA ASN A 27 -4.21 -3.00 13.62
C ASN A 27 -4.76 -1.67 13.07
N ASP A 28 -4.19 -1.20 11.96
CA ASP A 28 -4.72 0.02 11.34
C ASP A 28 -5.91 -0.26 10.42
N CYS A 29 -6.37 -1.52 10.41
CA CYS A 29 -7.50 -2.00 9.59
C CYS A 29 -7.24 -2.15 8.10
N ASN A 30 -5.98 -2.01 7.69
CA ASN A 30 -5.59 -2.29 6.32
C ASN A 30 -5.38 -3.79 6.19
N LEU A 31 -5.91 -4.37 5.11
CA LEU A 31 -5.65 -5.76 4.78
C LEU A 31 -4.57 -5.75 3.71
N VAL A 32 -3.42 -6.34 4.00
CA VAL A 32 -2.24 -6.17 3.14
C VAL A 32 -1.55 -7.47 2.80
N LEU A 33 -1.17 -7.61 1.53
CA LEU A 33 -0.27 -8.67 1.10
C LEU A 33 1.17 -8.15 1.00
N TYR A 34 2.06 -8.74 1.79
CA TYR A 34 3.48 -8.42 1.69
C TYR A 34 4.26 -9.51 0.98
N ASP A 35 5.14 -9.10 0.10
CA ASP A 35 6.04 -10.00 -0.59
C ASP A 35 7.44 -9.69 -0.05
N ASN A 36 7.91 -10.53 0.87
CA ASN A 36 9.17 -10.27 1.56
C ASN A 36 9.27 -8.83 2.06
N ASN A 37 8.27 -8.45 2.87
CA ASN A 37 8.16 -7.13 3.50
C ASN A 37 7.77 -5.95 2.61
N ARG A 38 7.52 -6.21 1.32
CA ARG A 38 7.09 -5.15 0.42
C ARG A 38 5.60 -5.31 0.14
N ALA A 39 4.82 -4.26 0.40
CA ALA A 39 3.37 -4.29 0.16
C ALA A 39 3.06 -4.36 -1.33
N VAL A 40 2.33 -5.40 -1.76
CA VAL A 40 1.99 -5.54 -3.17
C VAL A 40 0.49 -5.46 -3.47
N TRP A 41 -0.32 -5.46 -2.40
CA TRP A 41 -1.78 -5.42 -2.51
C TRP A 41 -2.31 -4.98 -1.17
N ALA A 42 -3.34 -4.13 -1.19
CA ALA A 42 -3.99 -3.71 0.04
C ALA A 42 -5.44 -3.38 -0.21
N SER A 43 -6.28 -3.56 0.82
CA SER A 43 -7.67 -3.17 0.75
C SER A 43 -7.81 -1.65 0.75
N GLY A 44 -6.79 -0.95 1.26
CA GLY A 44 -6.78 0.50 1.33
C GLY A 44 -7.69 1.03 2.41
N THR A 45 -7.81 0.29 3.51
CA THR A 45 -8.74 0.66 4.57
C THR A 45 -8.00 1.07 5.85
N ASN A 46 -6.72 1.40 5.73
CA ASN A 46 -5.96 1.94 6.85
C ASN A 46 -6.67 3.17 7.40
N GLY A 47 -6.82 3.23 8.72
CA GLY A 47 -7.39 4.39 9.37
C GLY A 47 -8.91 4.44 9.42
N LYS A 48 -9.60 3.46 8.82
CA LYS A 48 -11.07 3.44 8.85
C LYS A 48 -11.59 3.13 10.25
N ALA A 49 -10.78 2.40 11.00
CA ALA A 49 -11.06 2.03 12.38
C ALA A 49 -9.78 1.36 12.87
N SER A 50 -9.83 0.76 14.06
CA SER A 50 -8.70 -0.01 14.57
C SER A 50 -9.20 -1.33 15.18
N GLY A 51 -8.27 -2.23 15.44
CA GLY A 51 -8.61 -3.50 16.07
C GLY A 51 -9.48 -4.35 15.17
N CYS A 52 -9.19 -4.33 13.87
CA CYS A 52 -10.00 -5.07 12.90
C CYS A 52 -9.73 -6.55 12.90
N VAL A 53 -10.73 -7.31 12.46
CA VAL A 53 -10.61 -8.75 12.26
C VAL A 53 -11.04 -9.07 10.84
N LEU A 54 -10.62 -10.23 10.34
CA LEU A 54 -10.93 -10.63 9.00
C LEU A 54 -11.75 -11.91 9.09
N LYS A 55 -12.97 -11.88 8.56
CA LYS A 55 -13.88 -13.01 8.67
C LYS A 55 -14.12 -13.62 7.30
N MET A 56 -13.82 -14.92 7.17
CA MET A 56 -14.20 -15.68 6.00
C MET A 56 -15.57 -16.26 6.33
N GLN A 57 -16.60 -15.72 5.70
CA GLN A 57 -17.98 -16.08 6.02
C GLN A 57 -18.47 -17.31 5.28
N ASN A 58 -19.48 -17.95 5.86
CA ASN A 58 -20.12 -19.11 5.26
C ASN A 58 -20.88 -18.82 3.96
N ASP A 59 -21.17 -17.56 3.71
CA ASP A 59 -21.81 -17.19 2.44
C ASP A 59 -20.80 -16.85 1.35
N GLY A 60 -19.52 -17.04 1.65
CA GLY A 60 -18.45 -16.85 0.68
C GLY A 60 -17.91 -15.44 0.65
N ASN A 61 -18.48 -14.56 1.48
CA ASN A 61 -18.01 -13.18 1.58
C ASN A 61 -16.82 -13.09 2.51
N LEU A 62 -15.83 -12.28 2.14
CA LEU A 62 -14.68 -12.02 3.00
C LEU A 62 -14.82 -10.61 3.51
N VAL A 63 -14.86 -10.43 4.82
CA VAL A 63 -15.25 -9.16 5.38
C VAL A 63 -14.33 -8.72 6.48
N ILE A 64 -13.96 -7.44 6.44
CA ILE A 64 -13.21 -6.85 7.54
C ILE A 64 -14.22 -6.21 8.49
N TYR A 65 -14.12 -6.57 9.78
CA TYR A 65 -14.95 -5.96 10.81
C TYR A 65 -14.10 -5.30 11.87
N SER A 66 -14.63 -4.22 12.45
CA SER A 66 -14.05 -3.67 13.68
C SER A 66 -15.18 -3.77 14.69
N GLY A 67 -15.07 -4.71 15.62
CA GLY A 67 -16.20 -5.05 16.46
C GLY A 67 -17.36 -5.49 15.58
N SER A 68 -18.50 -4.82 15.72
CA SER A 68 -19.68 -5.16 14.92
C SER A 68 -19.80 -4.37 13.61
N ARG A 69 -18.93 -3.39 13.41
CA ARG A 69 -18.99 -2.54 12.22
C ARG A 69 -18.26 -3.16 11.04
N ALA A 70 -18.94 -3.26 9.90
CA ALA A 70 -18.34 -3.70 8.64
C ALA A 70 -17.49 -2.59 8.05
N ILE A 71 -16.31 -2.94 7.56
CA ILE A 71 -15.36 -1.95 7.02
C ILE A 71 -15.15 -2.12 5.52
N TRP A 72 -15.11 -3.36 5.07
CA TRP A 72 -14.75 -3.69 3.70
C TRP A 72 -15.19 -5.12 3.45
N ALA A 73 -15.51 -5.44 2.20
CA ALA A 73 -15.90 -6.79 1.84
C ALA A 73 -15.48 -7.12 0.41
N SER A 74 -15.21 -8.40 0.17
CA SER A 74 -14.91 -8.89 -1.17
C SER A 74 -16.16 -8.79 -2.04
N ASN A 75 -17.33 -8.74 -1.40
CA ASN A 75 -18.63 -8.69 -2.12
C ASN A 75 -18.87 -9.96 -2.94
N THR A 76 -18.41 -11.08 -2.43
CA THR A 76 -18.54 -12.36 -3.11
C THR A 76 -19.55 -13.25 -2.40
N ASN A 77 -20.44 -12.63 -1.63
CA ASN A 77 -21.56 -13.33 -0.98
C ASN A 77 -22.37 -14.12 -2.01
N ARG A 78 -22.70 -15.36 -1.65
CA ARG A 78 -23.52 -16.22 -2.47
C ARG A 78 -24.26 -17.17 -1.53
N GLN A 79 -24.57 -18.37 -1.99
CA GLN A 79 -25.22 -19.36 -1.12
C GLN A 79 -24.24 -19.85 -0.06
N ASN A 80 -24.78 -20.22 1.10
CA ASN A 80 -23.97 -20.80 2.16
C ASN A 80 -23.28 -22.07 1.70
N GLY A 81 -22.07 -22.29 2.19
CA GLY A 81 -21.34 -23.50 1.87
C GLY A 81 -20.03 -23.50 2.63
N ASN A 82 -19.15 -24.41 2.22
CA ASN A 82 -17.79 -24.47 2.75
C ASN A 82 -16.88 -23.76 1.79
N TYR A 83 -16.25 -22.68 2.26
CA TYR A 83 -15.29 -21.94 1.46
C TYR A 83 -14.01 -21.82 2.25
N TYR A 84 -12.90 -21.56 1.57
CA TYR A 84 -11.68 -21.24 2.28
C TYR A 84 -10.90 -20.20 1.52
N LEU A 85 -10.21 -19.35 2.28
CA LEU A 85 -9.26 -18.38 1.74
C LEU A 85 -7.87 -18.98 1.85
N ILE A 86 -7.08 -18.90 0.78
CA ILE A 86 -5.75 -19.47 0.81
C ILE A 86 -4.71 -18.55 0.18
N LEU A 87 -3.56 -18.44 0.84
CA LEU A 87 -2.40 -17.79 0.25
C LEU A 87 -1.57 -18.85 -0.48
N GLN A 88 -1.58 -18.78 -1.81
CA GLN A 88 -0.95 -19.80 -2.63
C GLN A 88 0.54 -19.57 -2.80
N ARG A 89 1.23 -20.65 -3.16
CA ARG A 89 2.67 -20.59 -3.40
C ARG A 89 3.03 -19.73 -4.63
N ASP A 90 2.05 -19.44 -5.50
CA ASP A 90 2.28 -18.51 -6.61
C ASP A 90 1.93 -17.07 -6.24
N ARG A 91 1.72 -16.82 -4.93
CA ARG A 91 1.45 -15.49 -4.38
C ARG A 91 0.02 -14.98 -4.61
N ASN A 92 -0.83 -15.76 -5.26
CA ASN A 92 -2.24 -15.38 -5.41
C ASN A 92 -2.93 -15.67 -4.09
N VAL A 93 -3.90 -14.85 -3.73
CA VAL A 93 -4.72 -15.08 -2.55
C VAL A 93 -6.10 -15.32 -3.11
N VAL A 94 -6.68 -16.48 -2.82
CA VAL A 94 -7.87 -16.93 -3.52
C VAL A 94 -8.89 -17.50 -2.52
N ILE A 95 -10.18 -17.26 -2.77
CA ILE A 95 -11.23 -17.99 -2.07
C ILE A 95 -11.73 -19.10 -2.98
N TYR A 96 -11.78 -20.32 -2.47
CA TYR A 96 -12.29 -21.47 -3.21
C TYR A 96 -13.55 -22.03 -2.56
N ASP A 97 -14.39 -22.65 -3.39
CA ASP A 97 -15.42 -23.52 -2.84
C ASP A 97 -14.81 -24.89 -2.63
N ASN A 98 -15.65 -25.92 -2.46
CA ASN A 98 -15.17 -27.27 -2.20
C ASN A 98 -14.80 -28.07 -3.46
N SER A 99 -14.84 -27.40 -4.63
CA SER A 99 -14.69 -28.09 -5.91
C SER A 99 -13.63 -27.48 -6.82
N ASN A 100 -12.63 -26.83 -6.21
CA ASN A 100 -11.55 -26.18 -6.96
C ASN A 100 -12.01 -25.04 -7.85
N ASN A 101 -13.12 -24.40 -7.48
CA ASN A 101 -13.59 -23.22 -8.18
C ASN A 101 -13.26 -21.97 -7.40
N ALA A 102 -12.50 -21.07 -8.00
CA ALA A 102 -12.18 -19.78 -7.39
C ALA A 102 -13.40 -18.86 -7.48
N ILE A 103 -13.74 -18.21 -6.37
CA ILE A 103 -14.82 -17.23 -6.37
C ILE A 103 -14.32 -15.80 -6.14
N TRP A 104 -13.06 -15.68 -5.75
CA TRP A 104 -12.41 -14.38 -5.55
C TRP A 104 -10.91 -14.58 -5.57
N ALA A 105 -10.18 -13.56 -6.02
CA ALA A 105 -8.72 -13.56 -5.99
C ALA A 105 -8.19 -12.14 -5.91
N THR A 106 -7.00 -11.99 -5.35
CA THR A 106 -6.32 -10.69 -5.33
C THR A 106 -5.63 -10.45 -6.67
N HIS A 107 -5.46 -11.53 -7.45
CA HIS A 107 -4.74 -11.49 -8.73
C HIS A 107 -3.31 -11.00 -8.53
N THR A 108 -2.68 -11.52 -7.49
CA THR A 108 -1.30 -11.19 -7.20
C THR A 108 -0.38 -12.33 -7.60
N ASN A 109 -0.90 -13.26 -8.41
CA ASN A 109 -0.11 -14.38 -8.90
C ASN A 109 1.12 -13.89 -9.66
N VAL A 110 2.25 -14.54 -9.42
CA VAL A 110 3.47 -14.28 -10.16
C VAL A 110 3.86 -15.58 -10.86
N GLY A 111 4.42 -15.45 -12.06
CA GLY A 111 4.95 -16.60 -12.77
C GLY A 111 3.96 -17.41 -13.58
N ASN A 112 2.70 -17.00 -13.60
CA ASN A 112 1.67 -17.66 -14.41
C ASN A 112 0.60 -16.70 -14.93
N SER B 1 15.20 16.05 0.75
CA SER B 1 14.44 17.31 0.91
C SER B 1 12.97 16.98 1.18
N ASP B 2 12.21 17.99 1.60
CA ASP B 2 10.77 17.81 1.81
C ASP B 2 9.97 18.28 0.58
N ARG B 3 10.66 18.79 -0.43
CA ARG B 3 9.95 19.30 -1.60
C ARG B 3 10.62 18.99 -2.92
N LEU B 4 9.82 19.01 -3.98
CA LEU B 4 10.30 18.79 -5.32
C LEU B 4 9.72 19.88 -6.21
N ASN B 5 10.61 20.72 -6.76
CA ASN B 5 10.19 21.83 -7.61
C ASN B 5 9.88 21.36 -9.04
N SER B 6 8.99 22.07 -9.72
CA SER B 6 8.64 21.69 -11.08
C SER B 6 9.87 21.77 -11.99
N GLY B 7 9.87 20.93 -13.02
CA GLY B 7 11.01 20.81 -13.91
C GLY B 7 12.10 19.94 -13.31
N HIS B 8 11.82 19.35 -12.15
CA HIS B 8 12.77 18.44 -11.50
C HIS B 8 12.16 17.09 -11.25
N GLN B 9 13.01 16.10 -10.99
CA GLN B 9 12.54 14.75 -10.78
C GLN B 9 13.24 14.04 -9.64
N LEU B 10 12.56 13.04 -9.10
CA LEU B 10 13.19 12.09 -8.19
C LEU B 10 13.53 10.88 -9.04
N ASP B 11 14.79 10.47 -8.97
CA ASP B 11 15.24 9.21 -9.58
C ASP B 11 14.67 8.02 -8.79
N THR B 12 14.78 6.83 -9.35
CA THR B 12 14.29 5.60 -8.70
C THR B 12 14.85 5.49 -7.28
N GLY B 13 13.98 5.20 -6.32
CA GLY B 13 14.37 5.11 -4.92
C GLY B 13 14.46 6.46 -4.23
N GLY B 14 14.29 7.54 -5.00
CA GLY B 14 14.35 8.89 -4.45
C GLY B 14 13.07 9.20 -3.70
N SER B 15 13.12 10.22 -2.84
CA SER B 15 12.02 10.47 -1.93
C SER B 15 11.99 11.89 -1.40
N LEU B 16 10.81 12.27 -0.91
CA LEU B 16 10.68 13.43 -0.05
C LEU B 16 10.56 12.88 1.35
N ALA B 17 11.05 13.63 2.32
CA ALA B 17 11.01 13.19 3.69
C ALA B 17 10.69 14.37 4.57
N GLU B 18 9.96 14.11 5.64
CA GLU B 18 9.66 15.11 6.67
C GLU B 18 9.43 14.36 7.97
N GLY B 19 10.41 14.41 8.86
CA GLY B 19 10.33 13.69 10.11
C GLY B 19 10.17 12.20 9.85
N GLY B 20 9.08 11.61 10.35
CA GLY B 20 8.81 10.19 10.16
C GLY B 20 8.01 9.85 8.92
N TYR B 21 7.79 10.84 8.07
CA TYR B 21 7.02 10.66 6.83
C TYR B 21 7.95 10.54 5.64
N LEU B 22 7.67 9.57 4.78
CA LEU B 22 8.50 9.28 3.63
C LEU B 22 7.61 9.09 2.41
N PHE B 23 7.84 9.88 1.36
CA PHE B 23 7.09 9.78 0.11
C PHE B 23 8.10 9.36 -0.94
N ILE B 24 8.03 8.11 -1.38
CA ILE B 24 9.13 7.55 -2.16
C ILE B 24 8.65 6.93 -3.46
N ILE B 25 9.40 7.15 -4.56
CA ILE B 25 9.18 6.41 -5.80
C ILE B 25 10.10 5.18 -5.78
N GLN B 26 9.49 4.02 -5.61
CA GLN B 26 10.22 2.79 -5.33
C GLN B 26 10.70 2.10 -6.60
N ASN B 27 11.63 1.17 -6.42
CA ASN B 27 12.12 0.35 -7.51
C ASN B 27 11.03 -0.49 -8.19
N ASP B 28 9.96 -0.78 -7.46
CA ASP B 28 8.86 -1.57 -8.02
C ASP B 28 7.82 -0.70 -8.76
N CYS B 29 8.13 0.59 -8.87
CA CYS B 29 7.30 1.59 -9.56
C CYS B 29 6.06 2.05 -8.77
N ASN B 30 5.95 1.64 -7.50
CA ASN B 30 4.89 2.11 -6.62
C ASN B 30 5.35 3.42 -5.98
N LEU B 31 4.46 4.41 -5.95
CA LEU B 31 4.73 5.66 -5.25
C LEU B 31 3.99 5.55 -3.93
N VAL B 32 4.74 5.56 -2.83
CA VAL B 32 4.15 5.25 -1.53
C VAL B 32 4.44 6.32 -0.49
N LEU B 33 3.44 6.64 0.32
CA LEU B 33 3.64 7.46 1.49
C LEU B 33 3.71 6.54 2.71
N TYR B 34 4.83 6.61 3.43
CA TYR B 34 5.00 5.85 4.66
C TYR B 34 4.93 6.77 5.85
N ASP B 35 4.31 6.29 6.92
CA ASP B 35 4.22 7.03 8.15
C ASP B 35 4.93 6.16 9.18
N ASN B 36 6.17 6.52 9.50
CA ASN B 36 7.01 5.71 10.37
C ASN B 36 7.01 4.23 9.96
N ASN B 37 7.30 4.01 8.67
CA ASN B 37 7.44 2.69 8.05
C ASN B 37 6.14 1.97 7.72
N ARG B 38 4.99 2.61 8.02
CA ARG B 38 3.68 2.05 7.72
C ARG B 38 3.10 2.73 6.46
N ALA B 39 2.79 1.94 5.43
CA ALA B 39 2.19 2.49 4.20
C ALA B 39 0.79 3.03 4.47
N VAL B 40 0.57 4.29 4.12
CA VAL B 40 -0.75 4.91 4.34
C VAL B 40 -1.41 5.40 3.05
N TRP B 41 -0.63 5.44 1.97
CA TRP B 41 -1.11 5.87 0.65
C TRP B 41 -0.18 5.31 -0.41
N ALA B 42 -0.74 4.86 -1.52
CA ALA B 42 0.08 4.38 -2.63
C ALA B 42 -0.64 4.63 -3.96
N SER B 43 0.13 4.86 -5.02
CA SER B 43 -0.41 4.97 -6.37
C SER B 43 -0.95 3.63 -6.85
N GLY B 44 -0.44 2.54 -6.27
CA GLY B 44 -0.84 1.19 -6.62
C GLY B 44 -0.26 0.73 -7.94
N THR B 45 0.93 1.21 -8.29
CA THR B 45 1.53 0.89 -9.57
C THR B 45 2.74 -0.03 -9.48
N ASN B 46 2.87 -0.75 -8.36
CA ASN B 46 3.91 -1.75 -8.21
C ASN B 46 3.80 -2.75 -9.36
N GLY B 47 4.95 -3.07 -9.96
CA GLY B 47 5.04 -4.07 -11.01
C GLY B 47 4.59 -3.62 -12.39
N LYS B 48 4.21 -2.35 -12.55
CA LYS B 48 3.75 -1.88 -13.86
C LYS B 48 4.92 -1.66 -14.80
N ALA B 49 6.07 -1.33 -14.20
CA ALA B 49 7.28 -1.00 -14.94
C ALA B 49 8.44 -1.04 -13.95
N SER B 50 9.66 -0.87 -14.46
CA SER B 50 10.85 -0.81 -13.64
C SER B 50 11.62 0.47 -13.94
N GLY B 51 12.52 0.83 -13.02
CA GLY B 51 13.33 2.02 -13.15
C GLY B 51 12.50 3.29 -13.27
N CYS B 52 11.44 3.37 -12.48
CA CYS B 52 10.53 4.52 -12.58
C CYS B 52 11.09 5.75 -11.89
N VAL B 53 10.72 6.91 -12.41
CA VAL B 53 11.09 8.20 -11.81
C VAL B 53 9.83 9.02 -11.58
N LEU B 54 9.93 10.01 -10.71
CA LEU B 54 8.82 10.89 -10.45
C LEU B 54 9.17 12.30 -10.91
N LYS B 55 8.38 12.84 -11.83
CA LYS B 55 8.62 14.18 -12.36
C LYS B 55 7.51 15.11 -11.94
N MET B 56 7.90 16.21 -11.30
CA MET B 56 7.01 17.33 -11.07
C MET B 56 7.15 18.21 -12.30
N GLN B 57 6.13 18.19 -13.16
CA GLN B 57 6.22 18.89 -14.44
C GLN B 57 5.85 20.37 -14.34
N ASN B 58 6.36 21.15 -15.28
CA ASN B 58 6.04 22.57 -15.34
C ASN B 58 4.60 22.85 -15.73
N ASP B 59 3.88 21.82 -16.17
CA ASP B 59 2.46 21.98 -16.45
C ASP B 59 1.59 21.67 -15.23
N GLY B 60 2.24 21.38 -14.11
CA GLY B 60 1.53 21.12 -12.87
C GLY B 60 1.13 19.67 -12.67
N ASN B 61 1.41 18.83 -13.67
CA ASN B 61 1.15 17.39 -13.58
C ASN B 61 2.28 16.67 -12.84
N LEU B 62 1.92 15.80 -11.91
CA LEU B 62 2.89 14.94 -11.25
C LEU B 62 2.80 13.57 -11.90
N VAL B 63 3.90 13.11 -12.48
CA VAL B 63 3.84 11.92 -13.32
C VAL B 63 4.94 10.95 -12.96
N ILE B 64 4.57 9.68 -12.86
CA ILE B 64 5.53 8.58 -12.78
C ILE B 64 5.90 8.15 -14.20
N TYR B 65 7.19 8.18 -14.51
CA TYR B 65 7.67 7.75 -15.83
C TYR B 65 8.53 6.50 -15.75
N SER B 66 8.37 5.64 -16.74
CA SER B 66 9.32 4.57 -17.02
C SER B 66 9.83 4.86 -18.43
N GLY B 67 11.03 5.41 -18.54
CA GLY B 67 11.50 5.91 -19.82
C GLY B 67 10.63 7.09 -20.23
N SER B 68 10.02 7.01 -21.40
CA SER B 68 9.13 8.07 -21.87
C SER B 68 7.67 7.76 -21.60
N ARG B 69 7.39 6.60 -21.03
CA ARG B 69 6.03 6.13 -20.83
C ARG B 69 5.49 6.58 -19.48
N ALA B 70 4.34 7.26 -19.49
CA ALA B 70 3.67 7.68 -18.27
C ALA B 70 2.92 6.49 -17.67
N ILE B 71 3.23 6.19 -16.42
CA ILE B 71 2.64 5.05 -15.73
C ILE B 71 1.43 5.50 -14.90
N TRP B 72 1.50 6.73 -14.39
CA TRP B 72 0.53 7.26 -13.45
C TRP B 72 0.72 8.76 -13.44
N ALA B 73 -0.37 9.48 -13.23
CA ALA B 73 -0.33 10.93 -13.17
C ALA B 73 -1.36 11.45 -12.17
N SER B 74 -1.06 12.58 -11.54
CA SER B 74 -2.05 13.25 -10.70
C SER B 74 -3.17 13.82 -11.56
N ASN B 75 -2.92 13.96 -12.87
CA ASN B 75 -3.88 14.50 -13.85
C ASN B 75 -4.27 15.94 -13.53
N THR B 76 -3.26 16.76 -13.24
CA THR B 76 -3.48 18.15 -12.86
C THR B 76 -2.78 19.10 -13.81
N ASN B 77 -2.44 18.59 -15.00
CA ASN B 77 -1.83 19.39 -16.06
C ASN B 77 -2.71 20.60 -16.42
N ARG B 78 -2.05 21.72 -16.63
CA ARG B 78 -2.70 23.01 -16.88
C ARG B 78 -1.67 23.87 -17.56
N GLN B 79 -1.82 25.18 -17.48
CA GLN B 79 -0.85 26.07 -18.07
C GLN B 79 0.50 25.93 -17.39
N ASN B 80 1.55 26.16 -18.17
CA ASN B 80 2.90 26.12 -17.66
C ASN B 80 3.10 27.16 -16.57
N GLY B 81 3.90 26.79 -15.56
CA GLY B 81 4.15 27.69 -14.46
C GLY B 81 5.15 27.16 -13.46
N ASN B 82 5.18 27.79 -12.30
CA ASN B 82 6.07 27.44 -11.22
C ASN B 82 5.22 26.71 -10.18
N TYR B 83 5.43 25.39 -10.07
CA TYR B 83 4.70 24.58 -9.09
C TYR B 83 5.71 23.80 -8.25
N TYR B 84 5.29 23.33 -7.08
CA TYR B 84 6.14 22.41 -6.33
C TYR B 84 5.31 21.42 -5.54
N LEU B 85 5.89 20.25 -5.33
CA LEU B 85 5.30 19.20 -4.52
C LEU B 85 5.99 19.26 -3.16
N ILE B 86 5.21 19.19 -2.10
CA ILE B 86 5.77 19.23 -0.75
C ILE B 86 5.09 18.19 0.13
N LEU B 87 5.92 17.51 0.93
CA LEU B 87 5.43 16.65 1.99
C LEU B 87 5.37 17.49 3.26
N GLN B 88 4.15 17.72 3.75
CA GLN B 88 3.93 18.68 4.82
C GLN B 88 4.02 18.05 6.19
N ARG B 89 4.23 18.89 7.19
CA ARG B 89 4.32 18.44 8.56
C ARG B 89 3.02 17.85 9.09
N ASP B 90 1.90 18.08 8.40
CA ASP B 90 0.63 17.44 8.76
C ASP B 90 0.37 16.16 7.95
N ARG B 91 1.40 15.71 7.23
CA ARG B 91 1.40 14.44 6.49
C ARG B 91 0.66 14.48 5.16
N ASN B 92 0.13 15.65 4.81
CA ASN B 92 -0.47 15.83 3.49
C ASN B 92 0.67 16.03 2.50
N VAL B 93 0.46 15.55 1.28
CA VAL B 93 1.42 15.74 0.20
C VAL B 93 0.67 16.57 -0.82
N VAL B 94 1.19 17.75 -1.12
CA VAL B 94 0.42 18.76 -1.82
C VAL B 94 1.26 19.37 -2.93
N ILE B 95 0.62 19.67 -4.04
CA ILE B 95 1.22 20.50 -5.09
C ILE B 95 0.66 21.93 -4.98
N TYR B 96 1.56 22.89 -4.85
CA TYR B 96 1.21 24.31 -4.80
C TYR B 96 1.63 25.03 -6.07
N ASP B 97 0.88 26.08 -6.40
CA ASP B 97 1.34 27.08 -7.33
C ASP B 97 2.18 28.11 -6.56
N ASN B 98 2.42 29.27 -7.16
CA ASN B 98 3.27 30.29 -6.56
C ASN B 98 2.56 31.19 -5.54
N SER B 99 1.29 30.90 -5.26
CA SER B 99 0.45 31.82 -4.51
C SER B 99 -0.32 31.11 -3.39
N ASN B 100 0.25 30.01 -2.92
CA ASN B 100 -0.31 29.25 -1.81
C ASN B 100 -1.65 28.59 -2.15
N ASN B 101 -1.86 28.28 -3.42
CA ASN B 101 -3.04 27.53 -3.84
C ASN B 101 -2.67 26.07 -4.05
N ALA B 102 -3.39 25.18 -3.38
CA ALA B 102 -3.16 23.75 -3.49
C ALA B 102 -3.95 23.26 -4.71
N ILE B 103 -3.25 22.71 -5.69
CA ILE B 103 -3.92 22.23 -6.90
C ILE B 103 -4.12 20.71 -6.91
N TRP B 104 -3.50 20.02 -5.95
CA TRP B 104 -3.65 18.59 -5.79
C TRP B 104 -3.09 18.19 -4.44
N ALA B 105 -3.66 17.15 -3.84
CA ALA B 105 -3.16 16.61 -2.58
C ALA B 105 -3.51 15.14 -2.50
N THR B 106 -2.76 14.41 -1.68
CA THR B 106 -3.05 13.00 -1.41
C THR B 106 -4.16 12.89 -0.39
N HIS B 107 -4.44 14.00 0.30
CA HIS B 107 -5.42 14.03 1.39
C HIS B 107 -5.04 13.03 2.47
N THR B 108 -3.76 13.02 2.83
CA THR B 108 -3.26 12.17 3.90
C THR B 108 -2.98 13.00 5.15
N ASN B 109 -3.48 14.23 5.17
CA ASN B 109 -3.37 15.09 6.34
C ASN B 109 -3.93 14.43 7.60
N VAL B 110 -3.24 14.65 8.72
CA VAL B 110 -3.70 14.20 10.02
C VAL B 110 -3.79 15.38 10.96
N GLY B 111 -4.73 15.34 11.89
CA GLY B 111 -4.87 16.38 12.89
C GLY B 111 -5.57 17.66 12.40
N ASN B 112 -6.10 17.62 11.19
CA ASN B 112 -6.87 18.74 10.64
C ASN B 112 -7.88 18.30 9.58
N SER C 1 -9.58 22.79 8.62
CA SER C 1 -10.17 24.11 9.00
C SER C 1 -9.07 25.12 9.29
N ASP C 2 -9.39 26.38 9.03
CA ASP C 2 -8.48 27.48 9.26
C ASP C 2 -8.76 28.12 10.62
N ARG C 3 -9.80 27.67 11.31
CA ARG C 3 -10.10 28.25 12.62
C ARG C 3 -10.40 27.29 13.78
N LEU C 4 -10.19 27.80 14.99
CA LEU C 4 -10.54 27.08 16.20
C LEU C 4 -11.44 27.98 17.02
N ASN C 5 -12.67 27.52 17.27
CA ASN C 5 -13.65 28.33 17.99
C ASN C 5 -13.49 28.15 19.50
N SER C 6 -13.84 29.19 20.26
CA SER C 6 -13.81 29.10 21.73
C SER C 6 -14.64 27.91 22.21
N GLY C 7 -14.19 27.29 23.30
CA GLY C 7 -14.83 26.09 23.83
C GLY C 7 -14.35 24.82 23.16
N HIS C 8 -13.44 24.96 22.19
CA HIS C 8 -12.90 23.83 21.45
C HIS C 8 -11.39 23.75 21.60
N GLN C 9 -10.84 22.58 21.29
CA GLN C 9 -9.41 22.37 21.38
C GLN C 9 -8.84 21.61 20.19
N LEU C 10 -7.54 21.80 19.98
CA LEU C 10 -6.78 20.93 19.11
C LEU C 10 -6.09 19.93 19.99
N ASP C 11 -6.35 18.66 19.71
CA ASP C 11 -5.65 17.56 20.35
C ASP C 11 -4.18 17.56 19.93
N THR C 12 -3.37 16.75 20.62
CA THR C 12 -1.94 16.63 20.32
C THR C 12 -1.72 16.30 18.85
N GLY C 13 -0.84 17.05 18.19
CA GLY C 13 -0.57 16.87 16.77
C GLY C 13 -1.58 17.57 15.86
N GLY C 14 -2.62 18.15 16.45
CA GLY C 14 -3.65 18.83 15.70
C GLY C 14 -3.18 20.19 15.19
N SER C 15 -3.84 20.68 14.15
CA SER C 15 -3.43 21.94 13.56
C SER C 15 -4.56 22.68 12.88
N LEU C 16 -4.33 23.98 12.66
CA LEU C 16 -5.11 24.76 11.74
C LEU C 16 -4.29 24.78 10.48
N ALA C 17 -4.97 24.76 9.33
CA ALA C 17 -4.29 24.76 8.05
C ALA C 17 -4.83 25.86 7.15
N GLU C 18 -3.91 26.52 6.44
CA GLU C 18 -4.24 27.54 5.47
C GLU C 18 -3.25 27.38 4.32
N GLY C 19 -3.53 26.44 3.43
CA GLY C 19 -2.61 26.09 2.37
C GLY C 19 -1.33 25.58 3.00
N GLY C 20 -0.20 26.13 2.59
CA GLY C 20 1.10 25.72 3.09
C GLY C 20 1.45 26.28 4.46
N TYR C 21 0.51 27.00 5.07
CA TYR C 21 0.70 27.45 6.45
C TYR C 21 0.04 26.49 7.41
N LEU C 22 0.77 26.07 8.44
CA LEU C 22 0.23 25.16 9.45
C LEU C 22 0.55 25.70 10.84
N PHE C 23 -0.46 25.73 11.70
CA PHE C 23 -0.30 26.13 13.09
C PHE C 23 -0.58 24.90 13.91
N ILE C 24 0.46 24.34 14.52
CA ILE C 24 0.34 23.00 15.09
C ILE C 24 0.80 22.95 16.55
N ILE C 25 -0.01 22.27 17.37
CA ILE C 25 0.40 21.91 18.72
C ILE C 25 1.05 20.53 18.66
N GLN C 26 2.37 20.51 18.85
CA GLN C 26 3.18 19.32 18.59
C GLN C 26 3.22 18.38 19.78
N ASN C 27 3.60 17.13 19.51
CA ASN C 27 3.81 16.12 20.55
C ASN C 27 4.78 16.58 21.64
N ASP C 28 5.77 17.39 21.26
CA ASP C 28 6.74 17.91 22.22
C ASP C 28 6.23 19.16 22.96
N CYS C 29 4.95 19.48 22.81
CA CYS C 29 4.31 20.61 23.50
C CYS C 29 4.69 21.99 22.99
N ASN C 30 5.40 22.05 21.87
CA ASN C 30 5.68 23.33 21.24
C ASN C 30 4.50 23.66 20.32
N LEU C 31 4.09 24.93 20.33
CA LEU C 31 3.06 25.40 19.42
C LEU C 31 3.77 26.22 18.36
N VAL C 32 3.65 25.80 17.11
CA VAL C 32 4.50 26.33 16.05
C VAL C 32 3.73 26.69 14.79
N LEU C 33 3.98 27.89 14.25
CA LEU C 33 3.48 28.27 12.94
C LEU C 33 4.54 27.94 11.91
N TYR C 34 4.18 27.12 10.93
CA TYR C 34 5.09 26.74 9.87
C TYR C 34 4.63 27.34 8.57
N ASP C 35 5.59 27.78 7.76
CA ASP C 35 5.34 28.26 6.41
C ASP C 35 6.08 27.30 5.51
N ASN C 36 5.32 26.42 4.86
CA ASN C 36 5.91 25.35 4.05
C ASN C 36 7.04 24.62 4.79
N ASN C 37 6.71 24.16 6.00
CA ASN C 37 7.58 23.37 6.87
C ASN C 37 8.64 24.14 7.64
N ARG C 38 8.78 25.44 7.35
CA ARG C 38 9.75 26.28 8.02
C ARG C 38 9.08 27.02 9.16
N ALA C 39 9.66 26.90 10.35
CA ALA C 39 9.10 27.58 11.54
C ALA C 39 9.29 29.09 11.43
N VAL C 40 8.20 29.82 11.63
CA VAL C 40 8.27 31.28 11.63
C VAL C 40 7.88 31.87 12.98
N TRP C 41 7.28 31.06 13.85
CA TRP C 41 6.84 31.48 15.18
C TRP C 41 6.61 30.26 16.05
N ALA C 42 7.06 30.34 17.30
CA ALA C 42 6.85 29.25 18.25
C ALA C 42 6.57 29.80 19.64
N SER C 43 5.79 29.05 20.41
CA SER C 43 5.55 29.40 21.80
C SER C 43 6.81 29.18 22.62
N GLY C 44 7.68 28.29 22.14
CA GLY C 44 8.94 27.98 22.80
C GLY C 44 8.75 27.11 24.03
N THR C 45 7.77 26.20 23.96
CA THR C 45 7.46 25.32 25.08
C THR C 45 7.83 23.86 24.76
N ASN C 46 8.72 23.70 23.78
CA ASN C 46 9.21 22.39 23.33
C ASN C 46 9.96 21.58 24.39
N GLY C 47 9.66 20.28 24.44
CA GLY C 47 10.39 19.35 25.29
C GLY C 47 10.19 19.52 26.78
N LYS C 48 9.35 20.48 27.16
CA LYS C 48 9.10 20.76 28.57
C LYS C 48 7.94 19.94 29.15
N ALA C 49 7.15 19.33 28.25
CA ALA C 49 6.07 18.41 28.64
C ALA C 49 5.67 17.55 27.45
N SER C 50 4.66 16.69 27.63
CA SER C 50 4.17 15.82 26.56
C SER C 50 2.64 15.73 26.53
N GLY C 51 2.09 15.34 25.38
CA GLY C 51 0.65 15.15 25.22
C GLY C 51 -0.16 16.42 25.36
N CYS C 52 0.40 17.53 24.89
CA CYS C 52 -0.23 18.84 25.03
C CYS C 52 -1.43 19.02 24.14
N VAL C 53 -2.39 19.81 24.63
CA VAL C 53 -3.53 20.25 23.84
C VAL C 53 -3.56 21.78 23.75
N LEU C 54 -4.31 22.30 22.79
CA LEU C 54 -4.44 23.74 22.61
C LEU C 54 -5.91 24.09 22.73
N LYS C 55 -6.24 24.83 23.78
CA LYS C 55 -7.63 25.20 24.02
C LYS C 55 -7.86 26.67 23.74
N MET C 56 -8.82 26.95 22.86
CA MET C 56 -9.34 28.30 22.69
C MET C 56 -10.48 28.40 23.69
N GLN C 57 -10.28 29.21 24.73
CA GLN C 57 -11.25 29.27 25.82
C GLN C 57 -12.32 30.35 25.61
N ASN C 58 -13.43 30.20 26.30
CA ASN C 58 -14.53 31.17 26.19
C ASN C 58 -14.23 32.50 26.88
N ASP C 59 -13.13 32.57 27.64
CA ASP C 59 -12.71 33.82 28.27
C ASP C 59 -11.76 34.61 27.36
N GLY C 60 -11.52 34.09 26.15
CA GLY C 60 -10.63 34.74 25.21
C GLY C 60 -9.18 34.31 25.29
N ASN C 61 -8.86 33.48 26.28
CA ASN C 61 -7.50 32.96 26.43
C ASN C 61 -7.25 31.77 25.51
N LEU C 62 -6.09 31.79 24.85
CA LEU C 62 -5.58 30.63 24.15
C LEU C 62 -4.57 30.02 25.09
N VAL C 63 -4.72 28.73 25.40
CA VAL C 63 -3.88 28.12 26.42
C VAL C 63 -3.38 26.75 25.99
N ILE C 64 -2.08 26.50 26.21
CA ILE C 64 -1.53 25.15 26.05
C ILE C 64 -1.60 24.42 27.38
N TYR C 65 -2.24 23.25 27.39
CA TYR C 65 -2.31 22.43 28.58
C TYR C 65 -1.57 21.14 28.37
N SER C 66 -0.85 20.72 29.41
CA SER C 66 -0.35 19.35 29.49
C SER C 66 -1.08 18.72 30.66
N GLY C 67 -2.06 17.86 30.35
CA GLY C 67 -2.99 17.38 31.36
C GLY C 67 -3.82 18.52 31.89
N SER C 68 -3.80 18.72 33.21
CA SER C 68 -4.51 19.84 33.83
C SER C 68 -3.58 21.05 34.02
N ARG C 69 -2.31 20.87 33.66
CA ARG C 69 -1.31 21.93 33.85
C ARG C 69 -1.20 22.82 32.63
N ALA C 70 -1.45 24.11 32.81
CA ALA C 70 -1.22 25.10 31.77
C ALA C 70 0.28 25.36 31.62
N ILE C 71 0.73 25.39 30.36
CA ILE C 71 2.14 25.53 29.99
C ILE C 71 2.41 26.93 29.44
N TRP C 72 1.37 27.53 28.85
CA TRP C 72 1.50 28.78 28.09
C TRP C 72 0.11 29.36 27.88
N ALA C 73 0.01 30.68 27.97
CA ALA C 73 -1.24 31.38 27.70
C ALA C 73 -0.98 32.66 26.91
N SER C 74 -1.93 33.02 26.05
CA SER C 74 -1.88 34.29 25.36
C SER C 74 -2.11 35.47 26.32
N ASN C 75 -2.66 35.16 27.50
CA ASN C 75 -2.98 36.16 28.54
C ASN C 75 -3.92 37.24 28.01
N THR C 76 -5.04 36.79 27.46
CA THR C 76 -6.03 37.71 26.90
C THR C 76 -7.38 37.43 27.55
N ASN C 77 -7.33 37.15 28.85
CA ASN C 77 -8.53 36.96 29.65
C ASN C 77 -9.44 38.18 29.58
N ARG C 78 -10.73 37.93 29.35
CA ARG C 78 -11.77 38.96 29.39
C ARG C 78 -13.13 38.29 29.58
N GLN C 79 -14.18 39.07 29.39
CA GLN C 79 -15.56 38.58 29.55
C GLN C 79 -15.82 37.31 28.76
N ASN C 80 -16.65 36.43 29.32
CA ASN C 80 -17.07 35.21 28.64
C ASN C 80 -17.92 35.53 27.40
N GLY C 81 -17.45 35.08 26.24
CA GLY C 81 -18.14 35.32 24.98
C GLY C 81 -17.71 34.37 23.88
N ASN C 82 -17.85 34.82 22.64
CA ASN C 82 -17.51 34.01 21.48
C ASN C 82 -16.25 34.51 20.79
N TYR C 83 -15.19 33.72 20.88
CA TYR C 83 -13.92 34.05 20.27
C TYR C 83 -13.52 32.95 19.30
N TYR C 84 -12.60 33.27 18.40
CA TYR C 84 -12.01 32.27 17.53
C TYR C 84 -10.59 32.61 17.17
N LEU C 85 -9.80 31.56 16.99
CA LEU C 85 -8.45 31.68 16.52
C LEU C 85 -8.47 31.34 15.05
N ILE C 86 -7.83 32.17 14.24
CA ILE C 86 -7.81 31.93 12.80
C ILE C 86 -6.39 32.05 12.24
N LEU C 87 -6.01 31.09 11.41
CA LEU C 87 -4.78 31.19 10.63
C LEU C 87 -5.18 31.81 9.30
N GLN C 88 -4.87 33.08 9.14
CA GLN C 88 -5.33 33.85 7.97
C GLN C 88 -4.51 33.60 6.74
N ARG C 89 -5.11 33.96 5.61
CA ARG C 89 -4.46 33.88 4.30
C ARG C 89 -3.17 34.70 4.23
N ASP C 90 -3.06 35.77 5.03
CA ASP C 90 -1.83 36.56 5.05
C ASP C 90 -0.77 36.03 6.03
N ARG C 91 -1.05 34.85 6.61
CA ARG C 91 -0.12 34.16 7.52
C ARG C 91 -0.09 34.68 8.95
N ASN C 92 -0.90 35.70 9.24
CA ASN C 92 -1.07 36.12 10.62
C ASN C 92 -1.98 35.13 11.34
N VAL C 93 -1.69 34.85 12.60
CA VAL C 93 -2.57 34.05 13.45
C VAL C 93 -3.19 35.01 14.47
N VAL C 94 -4.52 35.06 14.50
CA VAL C 94 -5.23 36.10 15.24
C VAL C 94 -6.39 35.51 16.06
N ILE C 95 -6.59 36.02 17.27
CA ILE C 95 -7.80 35.74 18.03
C ILE C 95 -8.75 36.92 17.82
N TYR C 96 -9.96 36.63 17.33
CA TYR C 96 -10.99 37.65 17.12
C TYR C 96 -12.14 37.45 18.10
N ASP C 97 -12.79 38.54 18.48
CA ASP C 97 -14.03 38.46 19.24
C ASP C 97 -15.25 38.41 18.33
N ASN C 98 -16.41 38.44 18.95
CA ASN C 98 -17.72 38.43 18.30
C ASN C 98 -17.90 39.45 17.16
N SER C 99 -17.36 40.66 17.36
CA SER C 99 -17.49 41.74 16.40
C SER C 99 -16.26 41.87 15.49
N ASN C 100 -15.49 40.78 15.39
CA ASN C 100 -14.30 40.70 14.55
C ASN C 100 -13.23 41.75 14.84
N ASN C 101 -13.03 42.07 16.12
CA ASN C 101 -11.88 42.86 16.57
C ASN C 101 -10.76 41.94 17.02
N ALA C 102 -9.55 42.23 16.57
CA ALA C 102 -8.37 41.44 16.93
C ALA C 102 -7.95 41.72 18.38
N ILE C 103 -7.94 40.67 19.21
CA ILE C 103 -7.50 40.85 20.59
C ILE C 103 -6.07 40.33 20.83
N TRP C 104 -5.56 39.55 19.88
CA TRP C 104 -4.21 39.00 19.98
C TRP C 104 -3.80 38.49 18.60
N ALA C 105 -2.51 38.62 18.28
CA ALA C 105 -1.97 38.13 17.02
C ALA C 105 -0.51 37.74 17.15
N THR C 106 -0.08 36.81 16.28
CA THR C 106 1.33 36.43 16.23
C THR C 106 2.18 37.50 15.53
N HIS C 107 1.53 38.34 14.73
CA HIS C 107 2.19 39.35 13.91
C HIS C 107 3.15 38.70 12.92
N THR C 108 2.67 37.65 12.26
CA THR C 108 3.46 36.88 11.30
C THR C 108 2.96 37.07 9.89
N ASN C 109 2.15 38.11 9.68
CA ASN C 109 1.64 38.44 8.35
C ASN C 109 2.77 38.75 7.38
N VAL C 110 2.57 38.38 6.11
CA VAL C 110 3.56 38.63 5.06
C VAL C 110 3.21 39.87 4.23
N GLY C 111 4.23 40.62 3.84
CA GLY C 111 4.12 41.76 2.94
C GLY C 111 2.88 42.63 3.11
N SER D 1 -1.09 -19.53 -17.14
CA SER D 1 -1.75 -20.50 -18.04
C SER D 1 -1.75 -21.90 -17.41
N ASP D 2 -2.56 -22.81 -17.95
CA ASP D 2 -2.56 -24.20 -17.50
C ASP D 2 -1.72 -25.10 -18.41
N ARG D 3 -1.12 -24.50 -19.44
CA ARG D 3 -0.35 -25.28 -20.39
C ARG D 3 0.91 -24.59 -20.90
N LEU D 4 1.87 -25.41 -21.32
CA LEU D 4 3.12 -24.93 -21.87
C LEU D 4 3.32 -25.65 -23.21
N ASN D 5 3.40 -24.86 -24.27
CA ASN D 5 3.59 -25.39 -25.63
C ASN D 5 5.07 -25.65 -25.90
N SER D 6 5.34 -26.68 -26.70
CA SER D 6 6.72 -27.02 -27.06
C SER D 6 7.41 -25.83 -27.74
N GLY D 7 8.70 -25.67 -27.47
CA GLY D 7 9.46 -24.52 -27.91
C GLY D 7 9.42 -23.37 -26.92
N HIS D 8 8.72 -23.57 -25.79
CA HIS D 8 8.62 -22.54 -24.76
C HIS D 8 9.09 -23.06 -23.40
N GLN D 9 9.34 -22.13 -22.48
CA GLN D 9 9.86 -22.49 -21.16
C GLN D 9 9.18 -21.73 -20.05
N LEU D 10 9.20 -22.31 -18.86
CA LEU D 10 8.86 -21.58 -17.64
C LEU D 10 10.16 -21.10 -17.02
N ASP D 11 10.27 -19.79 -16.81
CA ASP D 11 11.41 -19.22 -16.10
C ASP D 11 11.36 -19.65 -14.63
N THR D 12 12.46 -19.41 -13.92
CA THR D 12 12.55 -19.75 -12.51
C THR D 12 11.38 -19.14 -11.75
N GLY D 13 10.68 -19.96 -10.97
CA GLY D 13 9.52 -19.51 -10.23
C GLY D 13 8.24 -19.52 -11.04
N GLY D 14 8.35 -19.87 -12.32
CA GLY D 14 7.19 -19.94 -13.19
C GLY D 14 6.36 -21.18 -12.90
N SER D 15 5.09 -21.14 -13.28
CA SER D 15 4.20 -22.26 -13.01
C SER D 15 3.07 -22.36 -14.02
N LEU D 16 2.49 -23.56 -14.06
CA LEU D 16 1.17 -23.76 -14.64
C LEU D 16 0.19 -23.76 -13.48
N ALA D 17 -0.98 -23.19 -13.71
CA ALA D 17 -2.00 -23.12 -12.67
C ALA D 17 -3.35 -23.63 -13.19
N GLU D 18 -4.03 -24.38 -12.35
CA GLU D 18 -5.36 -24.88 -12.61
C GLU D 18 -6.10 -24.82 -11.28
N GLY D 19 -6.76 -23.68 -11.05
CA GLY D 19 -7.34 -23.40 -9.75
C GLY D 19 -6.29 -23.55 -8.67
N GLY D 20 -6.58 -24.40 -7.70
CA GLY D 20 -5.68 -24.64 -6.57
C GLY D 20 -4.52 -25.56 -6.85
N TYR D 21 -4.40 -26.03 -8.09
CA TYR D 21 -3.28 -26.88 -8.52
C TYR D 21 -2.20 -26.01 -9.15
N LEU D 22 -0.97 -26.20 -8.67
CA LEU D 22 0.18 -25.46 -9.16
C LEU D 22 1.31 -26.40 -9.52
N PHE D 23 1.87 -26.22 -10.72
CA PHE D 23 3.01 -27.00 -11.18
C PHE D 23 4.14 -26.02 -11.39
N ILE D 24 5.08 -25.99 -10.45
CA ILE D 24 6.05 -24.90 -10.39
C ILE D 24 7.50 -25.38 -10.46
N ILE D 25 8.29 -24.71 -11.31
CA ILE D 25 9.72 -24.89 -11.29
C ILE D 25 10.33 -23.87 -10.32
N GLN D 26 10.80 -24.38 -9.18
CA GLN D 26 11.18 -23.54 -8.05
C GLN D 26 12.61 -23.01 -8.17
N ASN D 27 12.91 -22.00 -7.34
CA ASN D 27 14.24 -21.41 -7.23
C ASN D 27 15.29 -22.42 -6.74
N ASP D 28 14.84 -23.46 -6.04
CA ASP D 28 15.74 -24.49 -5.55
C ASP D 28 15.91 -25.63 -6.56
N CYS D 29 15.36 -25.41 -7.76
CA CYS D 29 15.49 -26.34 -8.87
C CYS D 29 14.62 -27.59 -8.77
N ASN D 30 13.73 -27.64 -7.78
CA ASN D 30 12.75 -28.71 -7.70
C ASN D 30 11.52 -28.34 -8.52
N LEU D 31 11.01 -29.33 -9.26
CA LEU D 31 9.78 -29.20 -10.03
C LEU D 31 8.69 -29.92 -9.26
N VAL D 32 7.70 -29.16 -8.79
CA VAL D 32 6.73 -29.70 -7.85
C VAL D 32 5.29 -29.42 -8.26
N LEU D 33 4.45 -30.45 -8.17
CA LEU D 33 3.01 -30.30 -8.29
C LEU D 33 2.42 -30.13 -6.91
N TYR D 34 1.78 -28.97 -6.68
CA TYR D 34 1.12 -28.66 -5.42
C TYR D 34 -0.40 -28.74 -5.54
N ASP D 35 -1.02 -29.36 -4.54
CA ASP D 35 -2.47 -29.38 -4.42
C ASP D 35 -2.78 -28.51 -3.21
N ASN D 36 -3.24 -27.30 -3.47
CA ASN D 36 -3.49 -26.31 -2.41
C ASN D 36 -2.32 -26.21 -1.43
N ASN D 37 -1.14 -25.98 -1.99
CA ASN D 37 0.12 -25.81 -1.24
C ASN D 37 0.76 -27.09 -0.70
N ARG D 38 0.10 -28.23 -0.89
CA ARG D 38 0.62 -29.52 -0.44
C ARG D 38 1.24 -30.25 -1.61
N ALA D 39 2.50 -30.67 -1.44
CA ALA D 39 3.23 -31.34 -2.50
C ALA D 39 2.67 -32.75 -2.73
N VAL D 40 2.31 -33.03 -3.98
CA VAL D 40 1.78 -34.35 -4.34
C VAL D 40 2.69 -35.10 -5.32
N TRP D 41 3.58 -34.38 -5.98
CA TRP D 41 4.55 -34.95 -6.91
C TRP D 41 5.73 -34.00 -7.06
N ALA D 42 6.93 -34.56 -7.14
CA ALA D 42 8.15 -33.76 -7.35
C ALA D 42 9.19 -34.53 -8.15
N SER D 43 9.95 -33.79 -8.97
CA SER D 43 11.08 -34.38 -9.71
C SER D 43 12.20 -34.77 -8.76
N GLY D 44 12.21 -34.16 -7.58
CA GLY D 44 13.19 -34.45 -6.54
C GLY D 44 14.58 -33.96 -6.88
N THR D 45 14.65 -32.76 -7.46
CA THR D 45 15.91 -32.19 -7.90
C THR D 45 16.30 -30.93 -7.10
N ASN D 46 15.58 -30.68 -6.00
CA ASN D 46 15.85 -29.55 -5.08
C ASN D 46 17.31 -29.40 -4.63
N GLY D 47 17.97 -30.53 -4.37
CA GLY D 47 19.37 -30.51 -3.96
C GLY D 47 20.28 -30.34 -5.16
N LYS D 48 20.31 -29.12 -5.69
CA LYS D 48 21.18 -28.79 -6.82
C LYS D 48 21.53 -27.29 -6.89
N ALA D 49 21.43 -26.72 -8.08
CA ALA D 49 21.78 -25.33 -8.30
C ALA D 49 20.55 -24.43 -8.15
N SER D 50 20.59 -23.30 -8.85
CA SER D 50 19.52 -22.31 -8.82
C SER D 50 19.35 -21.77 -10.24
N GLY D 51 18.37 -20.90 -10.43
CA GLY D 51 18.09 -20.32 -11.73
C GLY D 51 17.62 -21.36 -12.73
N CYS D 52 16.94 -22.39 -12.24
CA CYS D 52 16.44 -23.45 -13.10
C CYS D 52 15.26 -23.01 -13.94
N VAL D 53 15.21 -23.51 -15.17
CA VAL D 53 14.08 -23.30 -16.06
C VAL D 53 13.50 -24.64 -16.48
N LEU D 54 12.23 -24.62 -16.91
CA LEU D 54 11.58 -25.82 -17.41
C LEU D 54 11.26 -25.64 -18.88
N LYS D 55 11.87 -26.47 -19.72
CA LYS D 55 11.68 -26.37 -21.18
C LYS D 55 10.80 -27.51 -21.70
N MET D 56 9.72 -27.15 -22.38
CA MET D 56 8.97 -28.13 -23.17
C MET D 56 9.57 -28.06 -24.55
N GLN D 57 10.32 -29.11 -24.91
CA GLN D 57 11.12 -29.10 -26.14
C GLN D 57 10.32 -29.62 -27.34
N ASN D 58 10.73 -29.19 -28.54
CA ASN D 58 10.12 -29.64 -29.79
C ASN D 58 10.33 -31.12 -30.11
N ASP D 59 11.23 -31.78 -29.37
CA ASP D 59 11.45 -33.21 -29.53
C ASP D 59 10.55 -34.04 -28.59
N GLY D 60 9.63 -33.36 -27.90
CA GLY D 60 8.71 -34.03 -26.98
C GLY D 60 9.23 -34.20 -25.57
N ASN D 61 10.49 -33.82 -25.34
CA ASN D 61 11.13 -33.93 -24.04
C ASN D 61 10.78 -32.76 -23.13
N LEU D 62 10.47 -33.06 -21.89
CA LEU D 62 10.35 -32.04 -20.85
C LEU D 62 11.62 -32.09 -20.02
N VAL D 63 12.31 -30.97 -19.91
CA VAL D 63 13.64 -30.95 -19.29
C VAL D 63 13.84 -29.77 -18.34
N ILE D 64 14.43 -30.05 -17.18
CA ILE D 64 14.86 -28.99 -16.28
C ILE D 64 16.31 -28.67 -16.59
N TYR D 65 16.57 -27.39 -16.87
CA TYR D 65 17.93 -26.93 -17.13
C TYR D 65 18.38 -26.00 -16.04
N SER D 66 19.62 -26.19 -15.60
CA SER D 66 20.28 -25.26 -14.72
C SER D 66 21.37 -24.60 -15.56
N GLY D 67 21.02 -23.47 -16.16
CA GLY D 67 21.85 -22.87 -17.20
C GLY D 67 21.88 -23.78 -18.41
N SER D 68 23.06 -24.29 -18.75
CA SER D 68 23.22 -25.18 -19.89
C SER D 68 23.17 -26.66 -19.50
N ARG D 69 23.07 -26.93 -18.20
CA ARG D 69 23.11 -28.28 -17.67
C ARG D 69 21.71 -28.87 -17.43
N ALA D 70 21.43 -30.01 -18.06
CA ALA D 70 20.18 -30.74 -17.80
C ALA D 70 20.24 -31.45 -16.46
N ILE D 71 19.19 -31.26 -15.65
CA ILE D 71 19.09 -31.78 -14.29
C ILE D 71 18.10 -32.96 -14.24
N TRP D 72 17.09 -32.90 -15.12
CA TRP D 72 16.03 -33.90 -15.13
C TRP D 72 15.35 -33.85 -16.49
N ALA D 73 14.92 -35.00 -17.00
CA ALA D 73 14.17 -35.07 -18.25
C ALA D 73 13.08 -36.13 -18.18
N SER D 74 11.97 -35.88 -18.86
CA SER D 74 10.89 -36.85 -18.95
C SER D 74 11.31 -38.09 -19.76
N ASN D 75 12.37 -37.94 -20.56
CA ASN D 75 12.89 -38.98 -21.44
C ASN D 75 11.86 -39.46 -22.45
N THR D 76 11.22 -38.51 -23.11
CA THR D 76 10.20 -38.80 -24.12
C THR D 76 10.61 -38.19 -25.45
N ASN D 77 11.90 -38.33 -25.75
CA ASN D 77 12.48 -37.87 -27.01
C ASN D 77 11.86 -38.63 -28.17
N ARG D 78 11.42 -37.89 -29.17
CA ARG D 78 10.91 -38.44 -30.44
C ARG D 78 11.09 -37.42 -31.56
N GLN D 79 10.49 -37.70 -32.72
CA GLN D 79 10.57 -36.79 -33.87
C GLN D 79 10.07 -35.38 -33.54
N ASN D 80 10.61 -34.38 -34.24
CA ASN D 80 10.22 -32.99 -34.04
C ASN D 80 8.76 -32.72 -34.46
N GLY D 81 7.99 -32.13 -33.56
CA GLY D 81 6.59 -31.86 -33.79
C GLY D 81 5.99 -30.88 -32.79
N ASN D 82 4.67 -30.93 -32.66
CA ASN D 82 3.95 -30.07 -31.71
C ASN D 82 3.50 -30.83 -30.49
N TYR D 83 3.96 -30.39 -29.32
CA TYR D 83 3.62 -31.00 -28.05
C TYR D 83 3.18 -29.92 -27.08
N TYR D 84 2.41 -30.30 -26.07
CA TYR D 84 2.11 -29.39 -24.98
C TYR D 84 2.01 -30.12 -23.65
N LEU D 85 2.47 -29.44 -22.60
CA LEU D 85 2.32 -29.92 -21.25
C LEU D 85 1.09 -29.23 -20.68
N ILE D 86 0.20 -30.00 -20.07
CA ILE D 86 -1.00 -29.41 -19.49
C ILE D 86 -1.25 -29.91 -18.08
N LEU D 87 -1.62 -28.97 -17.20
CA LEU D 87 -2.11 -29.29 -15.88
C LEU D 87 -3.64 -29.33 -15.94
N GLN D 88 -4.20 -30.54 -15.95
CA GLN D 88 -5.63 -30.73 -16.17
C GLN D 88 -6.45 -30.55 -14.90
N ARG D 89 -7.76 -30.37 -15.09
CA ARG D 89 -8.70 -30.20 -13.98
C ARG D 89 -8.71 -31.38 -13.03
N ASP D 90 -8.37 -32.57 -13.55
CA ASP D 90 -8.31 -33.77 -12.72
C ASP D 90 -6.98 -33.93 -11.97
N ARG D 91 -6.14 -32.89 -12.04
CA ARG D 91 -4.85 -32.84 -11.31
C ARG D 91 -3.72 -33.63 -11.96
N ASN D 92 -3.98 -34.24 -13.11
CA ASN D 92 -2.94 -34.90 -13.89
C ASN D 92 -2.13 -33.88 -14.70
N VAL D 93 -0.83 -34.09 -14.76
CA VAL D 93 0.05 -33.27 -15.58
C VAL D 93 0.48 -34.16 -16.74
N VAL D 94 0.16 -33.74 -17.96
CA VAL D 94 0.30 -34.61 -19.13
C VAL D 94 0.98 -33.89 -20.30
N ILE D 95 1.85 -34.62 -21.01
CA ILE D 95 2.35 -34.14 -22.29
C ILE D 95 1.53 -34.82 -23.40
N TYR D 96 0.99 -34.01 -24.30
CA TYR D 96 0.20 -34.50 -25.42
C TYR D 96 0.92 -34.19 -26.72
N ASP D 97 0.86 -35.11 -27.67
CA ASP D 97 1.37 -34.81 -29.01
C ASP D 97 0.31 -34.07 -29.84
N ASN D 98 0.62 -33.88 -31.12
CA ASN D 98 -0.27 -33.20 -32.06
C ASN D 98 -1.61 -33.91 -32.26
N SER D 99 -1.63 -35.23 -32.06
CA SER D 99 -2.84 -36.03 -32.28
C SER D 99 -3.59 -36.33 -30.97
N ASN D 100 -3.35 -35.51 -29.95
CA ASN D 100 -3.97 -35.64 -28.62
C ASN D 100 -3.74 -36.99 -27.90
N ASN D 101 -2.59 -37.59 -28.16
CA ASN D 101 -2.16 -38.78 -27.44
C ASN D 101 -1.26 -38.40 -26.27
N ALA D 102 -1.51 -39.01 -25.11
CA ALA D 102 -0.67 -38.82 -23.92
C ALA D 102 0.62 -39.63 -24.03
N ILE D 103 1.76 -38.95 -24.00
CA ILE D 103 3.06 -39.61 -24.11
C ILE D 103 3.80 -39.66 -22.76
N TRP D 104 3.34 -38.84 -21.82
CA TRP D 104 3.91 -38.77 -20.48
C TRP D 104 2.89 -38.15 -19.54
N ALA D 105 2.87 -38.61 -18.30
CA ALA D 105 1.99 -38.05 -17.28
C ALA D 105 2.58 -38.28 -15.90
N THR D 106 2.25 -37.40 -14.96
CA THR D 106 2.68 -37.58 -13.56
C THR D 106 1.86 -38.66 -12.86
N HIS D 107 0.68 -38.95 -13.40
CA HIS D 107 -0.26 -39.91 -12.80
C HIS D 107 -0.72 -39.45 -11.41
N THR D 108 -1.04 -38.16 -11.32
CA THR D 108 -1.47 -37.55 -10.06
C THR D 108 -2.96 -37.21 -10.10
N ASN D 109 -3.67 -37.81 -11.06
CA ASN D 109 -5.11 -37.55 -11.22
C ASN D 109 -5.95 -38.03 -10.02
N VAL D 110 -7.07 -37.35 -9.80
CA VAL D 110 -7.98 -37.70 -8.70
C VAL D 110 -9.34 -38.20 -9.21
S SO4 E . -3.91 6.37 8.85
O1 SO4 E . -4.06 7.07 7.60
O2 SO4 E . -5.10 6.63 9.64
O3 SO4 E . -2.72 6.82 9.56
O4 SO4 E . -3.83 4.93 8.62
S SO4 F . 4.92 -6.89 -8.04
O1 SO4 F . 5.29 -6.96 -9.44
O2 SO4 F . 3.49 -7.14 -7.91
O3 SO4 F . 5.21 -5.56 -7.52
O4 SO4 F . 5.70 -7.89 -7.30
#